data_2VQR
#
_entry.id   2VQR
#
_cell.length_a   59.700
_cell.length_b   96.600
_cell.length_c   178.500
_cell.angle_alpha   90.00
_cell.angle_beta   90.00
_cell.angle_gamma   90.00
#
_symmetry.space_group_name_H-M   'I 2 2 2'
#
loop_
_entity.id
_entity.type
_entity.pdbx_description
1 polymer 'PUTATIVE SULFATASE'
2 non-polymer 'MANGANESE (II) ION'
3 non-polymer 'CALCIUM ION'
4 non-polymer 'ACETATE ION'
5 non-polymer 'SODIUM ION'
6 water water
#
_entity_poly.entity_id   1
_entity_poly.type   'polypeptide(L)'
_entity_poly.pdbx_seq_one_letter_code
;MASWSHPQFEKGAETAVPNSSSVPGDPSSMRKKNVLLIVVDQWRADFVPHVLRADGKIDFLKTPNLDRLCREGVTFRNHV
TTCVP(DDZ)GPARASLLTGLYLMNHRAVQNTVPLDQRHLNLGKALRGVGYDPALIGYTTTVPDPRTTSPNDPRFRVLGD
LMDGFHPVGAFEPNMEGYFGWVAQNGFDLPEHRPDIWLPEGEDAVAGATDRPSRIPKEFSDSTFFTERALTYLKGRDGKP
FFLHLGYYRPHPPFVASAPYHAMYRPEDMPAPIRAANPDIEAAQHPLMKFYVDSIRRGSFFQGAEGSGATLDEAELRQMR
ATYCGLITEVDDCLGRVFSYLDETGQWDDTLIIFTSDHGEQLGDHHLLGKIGYNDPSFRIPLVIKDAGENARAGAIESGF
TESIDVMPTILDWLGGKIPHACDGLSLLPFLSEGRPQDWRTELHYEYDFRDVYYSEPQSFLGLGMNDCSLCVIQDERYKY
VHFAALPPLFFDLRHDPNEFTNLADDPAYAALVRDYAQKALSWRLKHADRTLTHYRSGPEGLSERSH
;
_entity_poly.pdbx_strand_id   A
#
loop_
_chem_comp.id
_chem_comp.type
_chem_comp.name
_chem_comp.formula
ACT non-polymer 'ACETATE ION' 'C2 H3 O2 -1'
CA non-polymer 'CALCIUM ION' 'Ca 2'
MN non-polymer 'MANGANESE (II) ION' 'Mn 2'
NA non-polymer 'SODIUM ION' 'Na 1'
#
# COMPACT_ATOMS: atom_id res chain seq x y z
C ARG A 31 24.51 -17.14 4.49
N LYS A 32 25.09 -15.94 4.51
CA LYS A 32 24.41 -14.76 5.00
C LYS A 32 23.01 -14.71 4.41
N LYS A 33 22.07 -14.22 5.19
CA LYS A 33 20.74 -13.99 4.71
C LYS A 33 20.43 -12.52 4.95
N ASN A 34 20.02 -11.87 3.88
CA ASN A 34 19.52 -10.50 3.94
C ASN A 34 18.06 -10.45 3.50
N VAL A 35 17.37 -9.41 3.96
CA VAL A 35 15.99 -9.06 3.52
C VAL A 35 15.93 -7.61 3.13
N LEU A 36 15.52 -7.40 1.89
CA LEU A 36 15.19 -6.07 1.39
C LEU A 36 13.72 -6.07 1.12
N LEU A 37 13.00 -5.28 1.94
CA LEU A 37 11.55 -5.08 1.75
C LEU A 37 11.32 -3.70 1.18
N ILE A 38 11.00 -3.68 -0.13
CA ILE A 38 10.76 -2.43 -0.84
C ILE A 38 9.30 -2.15 -0.79
N VAL A 39 8.98 -1.03 -0.19
CA VAL A 39 7.57 -0.60 -0.08
C VAL A 39 7.37 0.73 -0.75
N VAL A 40 6.80 0.70 -1.96
CA VAL A 40 6.42 1.93 -2.62
C VAL A 40 5.02 2.35 -2.12
N ASP A 41 4.57 3.48 -2.58
CA ASP A 41 3.33 4.08 -2.07
C ASP A 41 2.43 4.37 -3.22
N GLN A 42 1.17 3.91 -3.17
CA GLN A 42 0.21 4.29 -4.16
C GLN A 42 0.43 3.75 -5.58
N TRP A 43 1.06 2.58 -5.70
CA TRP A 43 1.38 1.93 -6.97
C TRP A 43 0.37 0.77 -7.22
N ARG A 44 -0.37 0.87 -8.31
CA ARG A 44 -1.42 -0.07 -8.64
C ARG A 44 -0.91 -1.39 -9.22
N ALA A 45 -1.62 -2.45 -8.92
CA ALA A 45 -1.22 -3.77 -9.41
C ALA A 45 -1.23 -3.86 -10.94
N ASP A 46 -2.08 -3.11 -11.59
CA ASP A 46 -2.20 -3.16 -13.05
C ASP A 46 -1.21 -2.23 -13.76
N PHE A 47 -0.26 -1.75 -13.00
CA PHE A 47 0.88 -1.01 -13.53
C PHE A 47 2.19 -1.80 -13.30
N VAL A 48 2.11 -3.07 -13.59
CA VAL A 48 3.20 -4.00 -13.45
C VAL A 48 3.40 -4.65 -14.82
N PRO A 49 4.47 -4.24 -15.51
CA PRO A 49 4.69 -4.74 -16.88
C PRO A 49 4.71 -6.27 -17.09
N HIS A 50 5.25 -7.03 -16.19
CA HIS A 50 5.35 -8.45 -16.35
C HIS A 50 3.97 -9.06 -16.46
N VAL A 51 3.00 -8.51 -15.72
CA VAL A 51 1.67 -9.10 -15.74
C VAL A 51 0.96 -8.64 -17.00
N LEU A 52 1.08 -7.34 -17.32
CA LEU A 52 0.50 -6.82 -18.57
C LEU A 52 0.95 -7.74 -19.73
N ARG A 53 2.25 -7.98 -19.87
CA ARG A 53 2.77 -8.77 -21.00
C ARG A 53 2.25 -10.21 -20.97
N ALA A 54 2.14 -10.77 -19.77
CA ALA A 54 1.59 -12.11 -19.61
C ALA A 54 0.19 -12.21 -20.18
N ASP A 55 -0.59 -11.15 -20.09
CA ASP A 55 -1.98 -11.17 -20.52
C ASP A 55 -2.15 -10.56 -21.95
N GLY A 56 -1.03 -10.34 -22.61
CA GLY A 56 -0.99 -9.89 -23.98
C GLY A 56 -1.46 -8.47 -24.13
N LYS A 57 -1.30 -7.70 -23.06
CA LYS A 57 -1.61 -6.29 -23.08
C LYS A 57 -0.33 -5.48 -23.46
N ILE A 58 -0.55 -4.25 -23.89
CA ILE A 58 0.60 -3.37 -24.08
C ILE A 58 1.13 -3.01 -22.70
N ASP A 59 2.41 -3.26 -22.50
CA ASP A 59 3.12 -2.66 -21.38
C ASP A 59 3.60 -1.27 -21.63
N PHE A 60 2.76 -0.35 -21.28
CA PHE A 60 2.79 1.08 -21.65
C PHE A 60 3.73 1.86 -20.70
N LEU A 61 4.30 1.19 -19.71
CA LEU A 61 5.33 1.85 -18.88
C LEU A 61 6.53 0.96 -18.80
N LYS A 62 7.67 1.55 -18.45
CA LYS A 62 8.92 0.81 -18.36
C LYS A 62 9.41 0.69 -16.93
N THR A 63 9.76 -0.53 -16.53
CA THR A 63 10.23 -0.78 -15.18
C THR A 63 11.20 -1.92 -15.26
N PRO A 64 12.34 -1.69 -15.96
CA PRO A 64 13.25 -2.80 -16.12
C PRO A 64 13.78 -3.43 -14.86
N ASN A 65 13.87 -2.69 -13.78
CA ASN A 65 14.41 -3.32 -12.58
C ASN A 65 13.42 -4.19 -11.80
N LEU A 66 12.21 -3.70 -11.78
CA LEU A 66 11.07 -4.51 -11.27
C LEU A 66 10.93 -5.72 -12.19
N ASP A 67 11.07 -5.52 -13.49
CA ASP A 67 11.01 -6.65 -14.40
C ASP A 67 12.06 -7.75 -14.18
N ARG A 68 13.27 -7.32 -13.75
CA ARG A 68 14.31 -8.25 -13.32
C ARG A 68 13.82 -9.12 -12.17
N LEU A 69 13.31 -8.51 -11.11
CA LEU A 69 12.76 -9.27 -9.96
C LEU A 69 11.69 -10.26 -10.40
N CYS A 70 10.86 -9.84 -11.34
CA CYS A 70 9.80 -10.71 -11.87
C CYS A 70 10.36 -11.89 -12.63
N ARG A 71 11.38 -11.63 -13.42
CA ARG A 71 12.02 -12.74 -14.15
C ARG A 71 12.72 -13.70 -13.23
N GLU A 72 13.24 -13.21 -12.12
CA GLU A 72 13.99 -14.04 -11.21
C GLU A 72 13.14 -14.66 -10.09
N GLY A 73 11.98 -14.06 -9.81
CA GLY A 73 11.13 -14.45 -8.69
C GLY A 73 9.70 -14.80 -9.12
N VAL A 74 8.82 -14.73 -8.14
CA VAL A 74 7.40 -14.97 -8.31
C VAL A 74 6.66 -13.70 -8.18
N THR A 75 5.85 -13.47 -9.17
CA THR A 75 4.95 -12.33 -9.21
C THR A 75 3.55 -12.76 -8.82
N PHE A 76 3.05 -12.10 -7.78
CA PHE A 76 1.72 -12.35 -7.26
C PHE A 76 0.67 -11.46 -7.86
N ARG A 77 -0.23 -11.99 -8.63
CA ARG A 77 -1.15 -11.14 -9.37
C ARG A 77 -2.48 -10.83 -8.70
N ASN A 78 -2.78 -11.48 -7.59
CA ASN A 78 -4.02 -11.24 -6.83
C ASN A 78 -3.69 -10.92 -5.37
N HIS A 79 -2.74 -10.00 -5.22
CA HIS A 79 -2.37 -9.43 -3.94
C HIS A 79 -3.15 -8.17 -3.58
N VAL A 80 -3.58 -8.11 -2.34
CA VAL A 80 -4.28 -6.90 -1.93
C VAL A 80 -3.71 -6.40 -0.60
N THR A 81 -3.83 -5.10 -0.40
CA THR A 81 -3.71 -4.49 0.94
C THR A 81 -5.03 -4.75 1.65
N THR A 82 -4.93 -5.04 2.94
CA THR A 82 -6.15 -5.34 3.69
C THR A 82 -6.91 -4.14 4.16
N CYS A 83 -6.32 -2.96 4.03
CA CYS A 83 -7.02 -1.73 4.28
C CYS A 83 -6.26 -0.55 3.68
N VAL A 84 -6.93 0.58 3.60
CA VAL A 84 -6.38 1.84 3.14
C VAL A 84 -6.90 2.91 4.10
N PRO A 85 -6.27 4.11 4.16
CA PRO A 85 -5.11 4.57 3.40
C PRO A 85 -3.77 4.22 4.02
N DDZ A 86 -2.78 5.08 4.02
CA DDZ A 86 -1.40 4.73 4.33
C DDZ A 86 -1.29 4.21 5.79
O DDZ A 86 -0.59 3.24 5.95
OG1 DDZ A 86 0.78 5.73 4.57
OG2 DDZ A 86 -0.47 6.49 2.83
CB DDZ A 86 -0.51 5.95 4.16
N CYS A 86 -2.72 5.04 3.92
CA CYS A 86 -1.31 5.08 4.41
C CYS A 86 -1.16 4.31 5.74
N GLY A 87 -1.77 4.90 6.76
CA GLY A 87 -1.65 4.49 8.19
C GLY A 87 -2.20 3.08 8.42
N PRO A 88 -3.44 2.85 8.03
CA PRO A 88 -4.02 1.52 8.24
C PRO A 88 -3.29 0.45 7.45
N ALA A 89 -2.95 0.80 6.20
CA ALA A 89 -2.28 -0.17 5.36
C ALA A 89 -0.93 -0.58 5.96
N ARG A 90 -0.15 0.39 6.41
CA ARG A 90 1.16 0.08 6.99
C ARG A 90 1.03 -0.57 8.32
N ALA A 91 -0.02 -0.34 9.07
CA ALA A 91 -0.28 -1.14 10.29
C ALA A 91 -0.49 -2.58 9.96
N SER A 92 -1.30 -2.87 8.94
CA SER A 92 -1.45 -4.27 8.52
C SER A 92 -0.16 -4.87 8.03
N LEU A 93 0.54 -4.17 7.17
CA LEU A 93 1.79 -4.67 6.63
C LEU A 93 2.76 -4.98 7.74
N LEU A 94 2.88 -4.15 8.75
CA LEU A 94 3.97 -4.21 9.71
C LEU A 94 3.56 -4.94 11.00
N THR A 95 2.35 -5.46 11.07
CA THR A 95 1.88 -6.30 12.18
C THR A 95 1.34 -7.66 11.73
N GLY A 96 1.01 -7.85 10.45
CA GLY A 96 0.41 -9.10 10.03
C GLY A 96 -1.04 -9.25 10.54
N LEU A 97 -1.65 -8.12 10.88
CA LEU A 97 -3.01 -8.09 11.37
C LEU A 97 -3.97 -7.42 10.39
N TYR A 98 -5.19 -7.99 10.35
CA TYR A 98 -6.33 -7.21 9.83
C TYR A 98 -6.57 -5.96 10.65
N LEU A 99 -7.19 -5.00 9.98
CA LEU A 99 -7.70 -3.76 10.59
C LEU A 99 -8.66 -4.11 11.77
N MET A 100 -9.40 -5.19 11.61
CA MET A 100 -10.32 -5.60 12.71
C MET A 100 -9.56 -5.84 14.02
N ASN A 101 -8.31 -6.26 13.88
CA ASN A 101 -7.45 -6.56 15.04
C ASN A 101 -6.53 -5.37 15.40
N HIS A 102 -5.84 -4.78 14.39
CA HIS A 102 -4.92 -3.69 14.77
C HIS A 102 -5.57 -2.39 15.22
N ARG A 103 -6.77 -2.05 14.74
CA ARG A 103 -7.57 -0.86 15.11
C ARG A 103 -6.98 0.43 14.78
N ALA A 104 -5.93 0.48 13.96
CA ALA A 104 -5.43 1.75 13.51
C ALA A 104 -6.23 2.07 12.29
N VAL A 105 -7.49 2.46 12.49
CA VAL A 105 -8.53 2.30 11.47
C VAL A 105 -8.53 3.37 10.38
N GLN A 106 -7.88 4.50 10.69
CA GLN A 106 -7.79 5.58 9.70
C GLN A 106 -6.46 6.30 9.96
N ASN A 107 -6.03 7.14 9.02
CA ASN A 107 -4.94 8.01 9.36
C ASN A 107 -5.38 8.82 10.54
N THR A 108 -4.40 9.15 11.39
CA THR A 108 -4.61 9.96 12.59
C THR A 108 -5.17 9.22 13.80
N VAL A 109 -5.43 7.92 13.64
CA VAL A 109 -5.93 7.08 14.74
C VAL A 109 -4.75 6.25 15.30
N PRO A 110 -4.57 6.27 16.64
CA PRO A 110 -3.47 5.51 17.26
C PRO A 110 -3.44 4.04 16.97
N LEU A 111 -2.20 3.54 16.91
CA LEU A 111 -1.90 2.16 16.95
C LEU A 111 -1.55 1.67 18.35
N ASP A 112 -2.41 0.83 18.87
CA ASP A 112 -2.20 0.23 20.20
C ASP A 112 -0.81 -0.42 20.28
N GLN A 113 -0.10 -0.08 21.35
CA GLN A 113 1.24 -0.65 21.57
C GLN A 113 1.26 -2.13 21.77
N ARG A 114 0.13 -2.71 22.08
CA ARG A 114 0.16 -4.16 22.38
CA ARG A 114 0.12 -4.14 22.34
C ARG A 114 0.47 -5.06 21.17
N HIS A 115 0.27 -4.56 19.97
CA HIS A 115 0.48 -5.46 18.82
C HIS A 115 1.98 -5.59 18.56
N LEU A 116 2.41 -6.80 18.27
CA LEU A 116 3.81 -7.04 17.98
C LEU A 116 4.05 -6.62 16.55
N ASN A 117 4.99 -5.71 16.30
CA ASN A 117 5.26 -5.30 14.96
C ASN A 117 6.53 -5.91 14.41
N LEU A 118 6.68 -5.77 13.10
CA LEU A 118 7.81 -6.46 12.42
C LEU A 118 9.19 -6.04 12.96
N GLY A 119 9.29 -4.82 13.40
CA GLY A 119 10.55 -4.22 13.93
C GLY A 119 10.97 -4.98 15.19
N LYS A 120 10.04 -5.10 16.12
CA LYS A 120 10.32 -5.86 17.34
C LYS A 120 10.51 -7.33 17.08
N ALA A 121 9.73 -7.87 16.16
CA ALA A 121 9.93 -9.27 15.84
C ALA A 121 11.30 -9.51 15.21
N LEU A 122 11.76 -8.60 14.38
CA LEU A 122 13.06 -8.74 13.75
C LEU A 122 14.17 -8.73 14.83
N ARG A 123 14.06 -7.86 15.80
CA ARG A 123 15.00 -7.90 16.95
CA ARG A 123 14.99 -7.91 16.94
C ARG A 123 15.00 -9.24 17.63
N GLY A 124 13.88 -9.92 17.63
CA GLY A 124 13.76 -11.25 18.19
C GLY A 124 14.51 -12.33 17.46
N VAL A 125 14.87 -12.07 16.18
CA VAL A 125 15.73 -13.01 15.45
C VAL A 125 17.08 -12.41 15.17
N GLY A 126 17.44 -11.38 15.93
CA GLY A 126 18.79 -10.92 15.85
C GLY A 126 19.08 -9.99 14.70
N TYR A 127 18.05 -9.44 14.12
CA TYR A 127 18.19 -8.49 13.05
C TYR A 127 17.87 -7.03 13.47
N ASP A 128 18.70 -6.12 13.00
CA ASP A 128 18.41 -4.70 13.15
C ASP A 128 17.30 -4.27 12.18
N PRO A 129 16.24 -3.68 12.71
CA PRO A 129 15.07 -3.37 11.86
C PRO A 129 15.18 -2.01 11.19
N ALA A 130 16.17 -1.89 10.30
CA ALA A 130 16.49 -0.65 9.63
C ALA A 130 15.36 -0.28 8.69
N LEU A 131 15.02 0.99 8.73
CA LEU A 131 13.90 1.57 7.99
C LEU A 131 14.17 2.89 7.33
N ILE A 132 13.86 2.97 6.03
CA ILE A 132 13.88 4.17 5.25
C ILE A 132 12.47 4.42 4.77
N GLY A 133 12.08 5.69 4.83
CA GLY A 133 10.74 6.15 4.39
C GLY A 133 9.98 6.60 5.60
N TYR A 134 8.94 5.88 5.90
CA TYR A 134 7.91 6.29 6.89
C TYR A 134 6.92 5.18 7.16
N THR A 135 6.22 5.27 8.30
CA THR A 135 5.21 4.22 8.64
C THR A 135 3.83 4.84 8.90
N THR A 136 3.75 6.16 9.10
CA THR A 136 2.51 6.90 9.29
C THR A 136 1.74 6.31 10.47
N THR A 137 2.41 6.25 11.60
CA THR A 137 1.89 5.60 12.80
C THR A 137 1.67 6.61 13.89
N VAL A 138 0.43 6.69 14.40
CA VAL A 138 0.17 7.58 15.53
C VAL A 138 0.44 6.77 16.81
N PRO A 139 1.22 7.34 17.75
CA PRO A 139 1.55 6.63 18.96
C PRO A 139 0.36 6.38 19.85
N ASP A 140 0.44 5.39 20.69
CA ASP A 140 -0.54 5.09 21.71
C ASP A 140 -0.48 6.14 22.82
N PRO A 141 -1.59 6.82 23.04
CA PRO A 141 -1.57 7.95 24.01
C PRO A 141 -1.31 7.50 25.43
N ARG A 142 -1.32 6.18 25.68
CA ARG A 142 -1.11 5.72 27.06
C ARG A 142 0.38 5.65 27.33
N THR A 143 1.17 5.90 26.32
CA THR A 143 2.61 5.60 26.32
C THR A 143 3.43 6.91 26.28
N THR A 144 2.78 8.03 26.08
CA THR A 144 3.56 9.26 25.88
C THR A 144 2.66 10.43 26.31
N SER A 145 3.27 11.59 26.45
CA SER A 145 2.57 12.77 26.83
C SER A 145 1.54 13.13 25.77
N PRO A 146 0.39 13.73 26.19
CA PRO A 146 -0.54 14.26 25.21
C PRO A 146 -0.01 15.45 24.42
N ASN A 147 1.10 16.06 24.93
CA ASN A 147 1.81 17.10 24.23
C ASN A 147 2.80 16.69 23.17
N ASP A 148 3.01 15.40 23.04
CA ASP A 148 4.02 14.87 22.13
C ASP A 148 3.80 15.45 20.75
N PRO A 149 4.83 15.99 20.14
CA PRO A 149 4.68 16.56 18.79
C PRO A 149 4.27 15.52 17.77
N ARG A 150 4.42 14.24 18.07
CA ARG A 150 4.01 13.15 17.14
C ARG A 150 2.51 13.17 16.95
N PHE A 151 1.78 13.85 17.83
CA PHE A 151 0.35 13.94 17.69
C PHE A 151 -0.12 15.14 16.86
N ARG A 152 0.80 15.85 16.24
CA ARG A 152 0.42 17.03 15.40
C ARG A 152 0.33 16.71 13.95
N VAL A 153 0.77 15.51 13.58
CA VAL A 153 0.95 15.10 12.21
C VAL A 153 0.08 13.85 11.98
N LEU A 154 0.02 13.34 10.75
CA LEU A 154 -0.67 12.08 10.45
C LEU A 154 -0.21 10.86 11.16
N GLY A 155 1.09 10.84 11.40
CA GLY A 155 1.76 9.69 11.96
C GLY A 155 3.26 9.94 11.91
N ASP A 156 3.94 9.21 12.75
CA ASP A 156 5.40 9.22 12.79
C ASP A 156 5.87 7.80 12.73
N LEU A 157 7.11 7.57 13.12
CA LEU A 157 7.70 6.26 13.00
C LEU A 157 7.11 5.34 14.03
N MET A 158 6.81 4.12 13.60
CA MET A 158 6.34 3.06 14.48
C MET A 158 7.44 2.66 15.46
N ASP A 159 7.07 2.50 16.74
CA ASP A 159 8.00 2.04 17.78
CA ASP A 159 8.02 2.08 17.76
C ASP A 159 8.60 0.75 17.42
N GLY A 160 9.93 0.66 17.52
CA GLY A 160 10.58 -0.61 17.35
C GLY A 160 11.42 -0.69 16.08
N PHE A 161 11.29 0.29 15.20
CA PHE A 161 12.16 0.34 14.05
C PHE A 161 13.39 1.21 14.27
N HIS A 162 14.40 0.99 13.50
CA HIS A 162 15.61 1.76 13.53
C HIS A 162 15.72 2.65 12.28
N PRO A 163 15.50 3.95 12.43
CA PRO A 163 15.37 4.79 11.26
C PRO A 163 16.71 5.15 10.72
N VAL A 164 16.92 4.90 9.43
CA VAL A 164 18.18 5.27 8.78
C VAL A 164 17.93 6.15 7.56
N GLY A 165 16.71 6.65 7.41
CA GLY A 165 16.38 7.55 6.30
C GLY A 165 14.93 7.91 6.31
N ALA A 166 14.61 8.69 7.33
CA ALA A 166 13.24 9.09 7.49
C ALA A 166 12.86 10.26 6.67
N PHE A 167 11.64 10.23 6.17
CA PHE A 167 11.02 11.38 5.48
C PHE A 167 10.88 12.43 6.53
N GLU A 168 10.49 11.99 7.71
CA GLU A 168 10.15 12.85 8.86
C GLU A 168 8.80 13.47 8.67
N PRO A 169 8.14 13.78 9.81
CA PRO A 169 6.97 14.57 9.66
C PRO A 169 7.25 15.87 8.90
N ASN A 170 6.27 16.17 8.11
CA ASN A 170 6.28 17.32 7.22
C ASN A 170 7.50 17.22 6.30
N MET A 171 8.03 16.01 6.12
CA MET A 171 9.07 15.76 5.09
C MET A 171 10.27 16.59 5.39
N GLU A 172 10.45 16.90 6.66
CA GLU A 172 11.59 17.69 7.07
C GLU A 172 12.93 17.07 6.74
N GLY A 173 13.01 15.74 6.83
CA GLY A 173 14.25 14.99 6.56
C GLY A 173 14.67 15.23 5.11
N TYR A 174 13.71 15.08 4.22
CA TYR A 174 13.91 15.37 2.80
C TYR A 174 14.31 16.80 2.54
N PHE A 175 13.51 17.72 3.03
CA PHE A 175 13.74 19.11 2.71
C PHE A 175 15.06 19.57 3.31
N GLY A 176 15.39 19.08 4.49
CA GLY A 176 16.75 19.40 5.00
C GLY A 176 17.87 18.96 4.11
N TRP A 177 17.76 17.74 3.60
CA TRP A 177 18.72 17.15 2.70
C TRP A 177 18.81 17.95 1.41
N VAL A 178 17.64 18.44 0.92
CA VAL A 178 17.69 19.29 -0.30
C VAL A 178 18.45 20.58 0.01
N ALA A 179 18.08 21.21 1.12
CA ALA A 179 18.69 22.49 1.50
C ALA A 179 20.17 22.34 1.73
N GLN A 180 20.56 21.28 2.39
CA GLN A 180 21.99 21.01 2.63
C GLN A 180 22.81 20.70 1.36
N ASN A 181 22.11 20.19 0.34
CA ASN A 181 22.71 19.96 -0.97
C ASN A 181 22.83 21.27 -1.76
N GLY A 182 22.35 22.37 -1.22
CA GLY A 182 22.55 23.71 -1.77
C GLY A 182 21.43 24.21 -2.69
N PHE A 183 20.35 23.47 -2.79
CA PHE A 183 19.21 23.88 -3.58
C PHE A 183 18.34 24.80 -2.75
N ASP A 184 18.06 26.00 -3.26
CA ASP A 184 17.23 26.96 -2.55
C ASP A 184 15.79 26.58 -2.71
N LEU A 185 15.07 26.50 -1.59
CA LEU A 185 13.70 26.04 -1.59
C LEU A 185 12.82 27.28 -1.51
N PRO A 186 11.59 27.14 -2.01
CA PRO A 186 10.65 28.22 -1.89
C PRO A 186 10.14 28.35 -0.47
N GLU A 187 9.40 29.40 -0.23
CA GLU A 187 9.04 29.79 1.10
CA GLU A 187 9.06 29.77 1.13
C GLU A 187 8.08 28.75 1.70
N HIS A 188 7.12 28.33 0.89
CA HIS A 188 6.31 27.16 1.16
C HIS A 188 6.94 26.00 0.41
N ARG A 189 7.53 25.08 1.14
CA ARG A 189 8.46 24.16 0.51
C ARG A 189 7.77 23.18 -0.47
N PRO A 190 6.53 22.75 -0.19
CA PRO A 190 5.86 21.90 -1.19
C PRO A 190 5.62 22.58 -2.55
N ASP A 191 5.85 23.88 -2.63
CA ASP A 191 5.74 24.58 -3.94
C ASP A 191 6.83 24.19 -4.92
N ILE A 192 7.80 23.37 -4.49
CA ILE A 192 8.69 22.69 -5.42
C ILE A 192 7.92 21.77 -6.39
N TRP A 193 6.68 21.45 -6.02
CA TRP A 193 5.83 20.59 -6.84
C TRP A 193 4.78 21.33 -7.67
N LEU A 194 4.90 22.62 -7.71
CA LEU A 194 4.15 23.39 -8.73
C LEU A 194 4.82 23.11 -10.06
N PRO A 195 4.06 23.09 -11.16
CA PRO A 195 4.67 22.90 -12.45
C PRO A 195 5.60 24.07 -12.76
N GLU A 196 6.61 23.80 -13.53
CA GLU A 196 7.63 24.80 -13.85
C GLU A 196 7.01 25.98 -14.60
N GLY A 197 7.48 27.16 -14.26
CA GLY A 197 6.94 28.38 -14.89
C GLY A 197 5.92 29.16 -14.12
N GLU A 198 6.15 30.48 -14.01
CA GLU A 198 5.22 31.38 -13.34
C GLU A 198 3.82 31.31 -13.96
N ASP A 199 3.75 31.01 -15.25
CA ASP A 199 2.45 30.95 -15.94
C ASP A 199 1.72 29.59 -15.83
N ALA A 200 2.34 28.62 -15.16
CA ALA A 200 1.79 27.26 -15.11
C ALA A 200 0.45 27.24 -14.37
N VAL A 201 -0.51 26.55 -14.96
CA VAL A 201 -1.75 26.24 -14.28
C VAL A 201 -1.61 24.95 -13.49
N ALA A 202 -1.87 25.05 -12.20
CA ALA A 202 -1.78 23.91 -11.28
C ALA A 202 -2.86 22.89 -11.63
N GLY A 203 -2.48 21.62 -11.60
CA GLY A 203 -3.33 20.48 -11.95
C GLY A 203 -2.53 19.47 -12.73
N ALA A 204 -3.21 18.67 -13.57
CA ALA A 204 -2.50 17.72 -14.40
C ALA A 204 -1.70 18.56 -15.39
N THR A 205 -0.45 18.15 -15.60
CA THR A 205 0.50 19.02 -16.30
C THR A 205 1.44 18.26 -17.20
N ASP A 206 1.83 18.91 -18.33
CA ASP A 206 2.90 18.41 -19.17
C ASP A 206 4.26 19.10 -18.91
N ARG A 207 4.35 19.83 -17.78
CA ARG A 207 5.55 20.54 -17.33
C ARG A 207 6.21 19.78 -16.18
N PRO A 208 7.54 19.83 -16.10
CA PRO A 208 8.23 19.21 -14.94
C PRO A 208 7.96 19.94 -13.68
N SER A 209 8.30 19.33 -12.54
CA SER A 209 8.20 20.03 -11.30
C SER A 209 9.40 20.96 -11.20
N ARG A 210 9.43 21.74 -10.12
CA ARG A 210 10.46 22.71 -9.91
C ARG A 210 11.66 22.18 -9.09
N ILE A 211 11.76 20.86 -8.98
CA ILE A 211 12.89 20.19 -8.32
C ILE A 211 13.65 19.33 -9.34
N PRO A 212 14.98 19.48 -9.46
CA PRO A 212 15.78 18.64 -10.32
C PRO A 212 15.76 17.21 -9.85
N LYS A 213 15.92 16.25 -10.79
CA LYS A 213 16.00 14.85 -10.51
C LYS A 213 16.98 14.51 -9.37
N GLU A 214 18.13 15.15 -9.41
CA GLU A 214 19.19 14.80 -8.41
C GLU A 214 18.77 15.14 -7.00
N PHE A 215 17.76 16.02 -6.86
CA PHE A 215 17.26 16.40 -5.52
C PHE A 215 15.81 15.91 -5.26
N SER A 216 15.36 14.96 -6.05
CA SER A 216 14.04 14.38 -5.86
C SER A 216 13.99 13.56 -4.56
N ASP A 217 12.76 13.31 -4.14
CA ASP A 217 12.53 12.44 -2.98
C ASP A 217 12.98 11.01 -3.26
N SER A 218 12.72 10.50 -4.47
CA SER A 218 13.18 9.19 -4.75
C SER A 218 14.72 9.11 -4.74
N THR A 219 15.42 10.09 -5.22
CA THR A 219 16.90 10.13 -5.03
C THR A 219 17.31 10.10 -3.58
N PHE A 220 16.64 10.89 -2.76
CA PHE A 220 16.88 10.93 -1.32
C PHE A 220 16.81 9.54 -0.66
N PHE A 221 15.71 8.83 -0.85
CA PHE A 221 15.56 7.51 -0.24
C PHE A 221 16.61 6.54 -0.73
N THR A 222 16.97 6.67 -2.00
CA THR A 222 17.97 5.80 -2.57
C THR A 222 19.34 6.06 -1.94
N GLU A 223 19.68 7.33 -1.77
CA GLU A 223 20.97 7.70 -1.14
C GLU A 223 21.02 7.20 0.29
N ARG A 224 19.90 7.24 0.98
CA ARG A 224 19.84 6.63 2.28
C ARG A 224 20.07 5.13 2.29
N ALA A 225 19.51 4.47 1.29
CA ALA A 225 19.68 3.03 1.19
C ALA A 225 21.13 2.74 0.98
N LEU A 226 21.73 3.40 0.01
CA LEU A 226 23.13 3.10 -0.34
C LEU A 226 24.06 3.40 0.84
N THR A 227 23.78 4.47 1.55
CA THR A 227 24.54 4.80 2.73
C THR A 227 24.43 3.72 3.82
N TYR A 228 23.20 3.25 4.05
CA TYR A 228 23.00 2.16 5.00
C TYR A 228 23.68 0.87 4.58
N LEU A 229 23.57 0.48 3.32
CA LEU A 229 24.11 -0.79 2.89
C LEU A 229 25.67 -0.67 2.96
N LYS A 230 26.21 0.44 2.54
CA LYS A 230 27.69 0.61 2.61
C LYS A 230 28.16 0.56 4.04
N GLY A 231 27.43 1.14 4.98
CA GLY A 231 27.75 1.02 6.40
C GLY A 231 27.76 -0.41 6.92
N ARG A 232 26.85 -1.26 6.41
CA ARG A 232 26.76 -2.60 6.85
C ARG A 232 27.99 -3.38 6.42
N ASP A 233 28.48 -3.05 5.25
CA ASP A 233 29.71 -3.67 4.75
C ASP A 233 29.69 -5.20 4.71
N GLY A 234 28.60 -5.75 4.19
CA GLY A 234 28.52 -7.19 4.01
C GLY A 234 27.81 -7.92 5.13
N LYS A 235 27.65 -7.27 6.28
CA LYS A 235 27.01 -7.94 7.40
C LYS A 235 25.53 -8.16 7.04
N PRO A 236 24.91 -9.15 7.64
CA PRO A 236 23.49 -9.44 7.32
C PRO A 236 22.61 -8.24 7.64
N PHE A 237 21.63 -8.01 6.80
CA PHE A 237 20.76 -6.87 6.94
C PHE A 237 19.31 -7.27 6.77
N PHE A 238 18.47 -6.51 7.47
CA PHE A 238 17.10 -6.18 7.05
C PHE A 238 16.98 -4.69 6.73
N LEU A 239 16.33 -4.40 5.60
CA LEU A 239 16.07 -3.03 5.28
C LEU A 239 14.71 -2.89 4.69
N HIS A 240 13.91 -2.07 5.34
CA HIS A 240 12.66 -1.56 4.75
C HIS A 240 13.01 -0.31 3.93
N LEU A 241 12.99 -0.48 2.62
CA LEU A 241 13.26 0.61 1.71
C LEU A 241 11.94 1.17 1.20
N GLY A 242 11.53 2.24 1.84
CA GLY A 242 10.35 2.99 1.49
C GLY A 242 10.60 4.05 0.45
N TYR A 243 9.77 4.06 -0.58
CA TYR A 243 9.61 5.20 -1.48
C TYR A 243 8.25 5.90 -1.34
N TYR A 244 8.25 7.21 -1.40
CA TYR A 244 7.05 7.98 -1.44
C TYR A 244 6.32 7.90 -2.75
N ARG A 245 7.09 7.94 -3.85
CA ARG A 245 6.42 7.87 -5.15
C ARG A 245 5.92 6.46 -5.43
N PRO A 246 4.88 6.32 -6.27
CA PRO A 246 4.17 7.39 -6.96
C PRO A 246 3.00 8.07 -6.23
N HIS A 247 3.01 8.16 -4.90
CA HIS A 247 2.09 9.06 -4.18
C HIS A 247 2.15 10.44 -4.83
N PRO A 248 1.00 11.14 -4.80
CA PRO A 248 0.95 12.53 -5.30
C PRO A 248 1.74 13.51 -4.40
N PRO A 249 2.05 14.69 -4.95
CA PRO A 249 1.48 15.31 -6.18
C PRO A 249 2.01 14.77 -7.47
N PHE A 250 1.08 14.59 -8.39
CA PHE A 250 1.36 14.03 -9.67
C PHE A 250 2.05 15.04 -10.57
N VAL A 251 3.34 15.18 -10.28
CA VAL A 251 4.27 16.03 -11.00
C VAL A 251 5.64 15.39 -10.88
N ALA A 252 6.45 15.41 -11.96
CA ALA A 252 7.67 14.66 -12.00
C ALA A 252 8.84 15.58 -12.36
N SER A 253 10.00 15.24 -11.83
CA SER A 253 11.22 15.92 -12.21
C SER A 253 11.48 15.61 -13.68
N ALA A 254 12.16 16.53 -14.37
CA ALA A 254 12.54 16.33 -15.75
C ALA A 254 13.62 15.27 -15.81
N PRO A 255 13.58 14.38 -16.86
CA PRO A 255 12.62 14.39 -17.95
C PRO A 255 11.49 13.38 -17.76
N TYR A 256 11.25 12.99 -16.53
CA TYR A 256 10.23 12.01 -16.27
C TYR A 256 8.84 12.51 -16.56
N HIS A 257 8.65 13.80 -16.54
CA HIS A 257 7.35 14.44 -16.77
C HIS A 257 6.88 14.26 -18.22
N ALA A 258 7.83 13.93 -19.07
CA ALA A 258 7.61 13.92 -20.53
C ALA A 258 7.89 12.56 -21.19
N MET A 259 8.13 11.56 -20.35
CA MET A 259 8.58 10.27 -20.73
C MET A 259 7.46 9.46 -21.37
N TYR A 260 6.23 9.77 -20.99
CA TYR A 260 5.10 8.98 -21.47
C TYR A 260 4.09 9.87 -22.12
N ARG A 261 3.54 9.40 -23.22
CA ARG A 261 2.52 10.19 -23.88
C ARG A 261 1.12 9.93 -23.29
N PRO A 262 0.36 11.00 -23.07
CA PRO A 262 -1.01 10.76 -22.59
C PRO A 262 -1.88 9.87 -23.44
N GLU A 263 -1.71 9.93 -24.76
CA GLU A 263 -2.50 9.02 -25.59
C GLU A 263 -2.19 7.55 -25.48
N ASP A 264 -1.06 7.23 -24.88
CA ASP A 264 -0.59 5.86 -24.80
C ASP A 264 -1.04 5.18 -23.47
N MET A 265 -1.71 5.94 -22.63
CA MET A 265 -2.11 5.45 -21.30
C MET A 265 -3.47 4.74 -21.37
N PRO A 266 -3.70 3.84 -20.42
CA PRO A 266 -5.00 3.16 -20.32
C PRO A 266 -6.03 4.17 -19.91
N ALA A 267 -7.20 4.07 -20.55
CA ALA A 267 -8.26 4.97 -20.27
C ALA A 267 -8.82 4.72 -18.86
N PRO A 268 -9.21 5.77 -18.16
CA PRO A 268 -9.92 5.63 -16.89
C PRO A 268 -11.29 4.97 -17.15
N ILE A 269 -11.74 4.19 -16.16
CA ILE A 269 -12.96 3.42 -16.25
C ILE A 269 -13.96 4.12 -15.30
N ARG A 270 -15.03 4.66 -15.82
CA ARG A 270 -15.95 5.44 -15.01
C ARG A 270 -17.33 5.53 -15.67
N ALA A 271 -18.32 5.85 -14.86
CA ALA A 271 -19.72 5.84 -15.33
C ALA A 271 -19.93 7.05 -16.23
N ALA A 272 -21.16 7.19 -16.75
CA ALA A 272 -21.38 8.24 -17.74
C ALA A 272 -21.20 9.63 -17.23
N ASN A 273 -21.51 9.85 -15.94
CA ASN A 273 -21.25 11.13 -15.35
C ASN A 273 -21.15 10.93 -13.83
N PRO A 274 -20.67 11.95 -13.13
CA PRO A 274 -20.51 11.74 -11.65
C PRO A 274 -21.75 11.43 -10.90
N ASP A 275 -22.89 11.93 -11.38
CA ASP A 275 -24.15 11.69 -10.64
C ASP A 275 -24.59 10.26 -10.75
N ILE A 276 -24.48 9.63 -11.91
CA ILE A 276 -24.83 8.28 -12.13
C ILE A 276 -23.83 7.39 -11.35
N GLU A 277 -22.57 7.82 -11.32
CA GLU A 277 -21.58 7.10 -10.49
C GLU A 277 -22.02 7.13 -9.04
N ALA A 278 -22.29 8.32 -8.53
CA ALA A 278 -22.57 8.51 -7.13
C ALA A 278 -23.80 7.77 -6.66
N ALA A 279 -24.72 7.51 -7.60
CA ALA A 279 -25.96 6.81 -7.27
C ALA A 279 -25.74 5.38 -6.75
N GLN A 280 -24.63 4.71 -7.04
CA GLN A 280 -24.47 3.39 -6.60
C GLN A 280 -24.56 3.21 -5.07
N HIS A 281 -24.08 4.20 -4.34
CA HIS A 281 -23.96 4.08 -2.89
C HIS A 281 -23.64 5.39 -2.27
N PRO A 282 -24.12 5.60 -1.07
CA PRO A 282 -23.83 6.88 -0.43
C PRO A 282 -22.33 7.16 -0.22
N LEU A 283 -21.53 6.12 0.08
CA LEU A 283 -20.12 6.40 0.28
C LEU A 283 -19.47 6.85 -1.05
N MET A 284 -19.91 6.27 -2.13
CA MET A 284 -19.40 6.66 -3.47
C MET A 284 -19.73 8.12 -3.68
N LYS A 285 -20.95 8.48 -3.41
CA LYS A 285 -21.40 9.87 -3.52
C LYS A 285 -20.59 10.85 -2.67
N PHE A 286 -20.31 10.45 -1.42
CA PHE A 286 -19.47 11.27 -0.60
C PHE A 286 -18.17 11.63 -1.27
N TYR A 287 -17.44 10.61 -1.68
CA TYR A 287 -16.12 10.81 -2.27
C TYR A 287 -16.16 11.47 -3.65
N VAL A 288 -17.08 11.06 -4.49
CA VAL A 288 -17.23 11.75 -5.79
C VAL A 288 -17.41 13.25 -5.52
N ASP A 289 -18.30 13.57 -4.60
CA ASP A 289 -18.60 14.99 -4.31
C ASP A 289 -17.37 15.72 -3.70
N SER A 290 -16.68 15.09 -2.76
CA SER A 290 -15.78 15.86 -1.89
C SER A 290 -14.31 15.87 -2.31
N ILE A 291 -13.87 14.90 -3.11
CA ILE A 291 -12.43 14.84 -3.38
C ILE A 291 -12.03 16.08 -4.21
N ARG A 292 -10.92 16.67 -3.80
CA ARG A 292 -10.46 17.89 -4.43
C ARG A 292 -9.18 17.67 -5.20
N ARG A 293 -9.00 18.44 -6.26
CA ARG A 293 -7.80 18.26 -7.11
C ARG A 293 -6.53 18.67 -6.37
N GLY A 294 -6.67 19.57 -5.42
CA GLY A 294 -5.50 20.07 -4.70
C GLY A 294 -4.87 19.02 -3.78
N SER A 295 -5.58 17.90 -3.59
CA SER A 295 -5.03 16.78 -2.85
C SER A 295 -4.17 15.92 -3.71
N PHE A 296 -4.12 16.24 -5.00
CA PHE A 296 -3.41 15.38 -6.00
C PHE A 296 -2.37 16.10 -6.91
N PHE A 297 -2.58 17.40 -7.00
CA PHE A 297 -1.72 18.27 -7.78
C PHE A 297 -1.51 19.52 -6.93
N GLN A 298 -0.26 19.89 -6.77
CA GLN A 298 0.09 21.01 -5.90
C GLN A 298 -0.56 22.31 -6.32
N GLY A 299 -1.34 22.90 -5.45
CA GLY A 299 -1.91 24.23 -5.74
C GLY A 299 -3.19 24.20 -6.58
N ALA A 300 -3.62 23.02 -7.01
CA ALA A 300 -4.79 22.93 -7.93
C ALA A 300 -6.12 23.18 -7.27
N GLU A 301 -7.06 23.70 -8.06
CA GLU A 301 -8.40 24.02 -7.58
C GLU A 301 -9.40 23.13 -8.30
N GLY A 302 -10.53 22.92 -7.64
CA GLY A 302 -11.63 22.19 -8.26
C GLY A 302 -11.75 20.75 -7.82
N SER A 303 -12.78 20.10 -8.35
CA SER A 303 -13.08 18.71 -7.95
C SER A 303 -12.33 17.68 -8.78
N GLY A 304 -11.91 16.58 -8.15
CA GLY A 304 -11.30 15.46 -8.84
C GLY A 304 -12.24 14.96 -9.91
N ALA A 305 -13.53 14.85 -9.55
CA ALA A 305 -14.51 14.20 -10.43
C ALA A 305 -14.72 14.86 -11.79
N THR A 306 -14.41 16.14 -11.85
CA THR A 306 -14.65 16.89 -13.09
C THR A 306 -13.47 16.96 -14.03
N LEU A 307 -12.41 16.17 -13.76
CA LEU A 307 -11.26 16.08 -14.66
C LEU A 307 -11.74 15.40 -15.95
N ASP A 308 -11.29 15.89 -17.10
CA ASP A 308 -11.70 15.31 -18.34
C ASP A 308 -10.74 14.24 -18.75
N GLU A 309 -11.04 13.56 -19.85
CA GLU A 309 -10.33 12.38 -20.19
C GLU A 309 -8.86 12.73 -20.51
N ALA A 310 -8.66 13.86 -21.17
CA ALA A 310 -7.31 14.30 -21.54
C ALA A 310 -6.49 14.57 -20.24
N GLU A 311 -7.09 15.30 -19.32
CA GLU A 311 -6.45 15.56 -18.03
C GLU A 311 -6.09 14.27 -17.29
N LEU A 312 -7.06 13.35 -17.21
CA LEU A 312 -6.81 12.07 -16.61
C LEU A 312 -5.71 11.27 -17.29
N ARG A 313 -5.65 11.37 -18.62
CA ARG A 313 -4.56 10.71 -19.34
C ARG A 313 -3.22 11.36 -19.03
N GLN A 314 -3.14 12.66 -19.00
CA GLN A 314 -1.89 13.31 -18.60
C GLN A 314 -1.50 12.83 -17.19
N MET A 315 -2.44 12.89 -16.25
CA MET A 315 -2.15 12.45 -14.87
C MET A 315 -1.55 11.09 -14.89
N ARG A 316 -2.13 10.20 -15.68
CA ARG A 316 -1.61 8.85 -15.74
C ARG A 316 -0.22 8.79 -16.32
N ALA A 317 0.03 9.55 -17.35
CA ALA A 317 1.41 9.62 -17.88
C ALA A 317 2.41 10.13 -16.87
N THR A 318 2.02 11.16 -16.10
CA THR A 318 2.91 11.68 -15.01
C THR A 318 3.19 10.61 -13.94
N TYR A 319 2.11 9.93 -13.56
CA TYR A 319 2.18 8.80 -12.65
C TYR A 319 3.14 7.73 -13.13
N CYS A 320 3.08 7.42 -14.41
CA CYS A 320 4.01 6.47 -14.94
C CYS A 320 5.45 7.03 -14.86
N GLY A 321 5.65 8.31 -15.13
CA GLY A 321 6.98 8.99 -14.98
C GLY A 321 7.55 8.78 -13.60
N LEU A 322 6.67 8.95 -12.62
CA LEU A 322 7.11 8.80 -11.22
C LEU A 322 7.54 7.37 -10.96
N ILE A 323 6.72 6.45 -11.45
CA ILE A 323 7.06 5.07 -11.35
C ILE A 323 8.41 4.63 -11.96
N THR A 324 8.69 5.16 -13.14
CA THR A 324 9.94 4.83 -13.76
C THR A 324 11.15 5.48 -13.04
N GLU A 325 10.91 6.60 -12.39
CA GLU A 325 11.95 7.27 -11.57
C GLU A 325 12.27 6.36 -10.37
N VAL A 326 11.25 5.80 -9.71
CA VAL A 326 11.55 4.78 -8.72
C VAL A 326 12.32 3.61 -9.22
N ASP A 327 11.90 3.08 -10.36
CA ASP A 327 12.54 1.93 -10.89
C ASP A 327 14.00 2.25 -11.22
N ASP A 328 14.25 3.43 -11.76
CA ASP A 328 15.65 3.85 -12.06
C ASP A 328 16.46 3.84 -10.74
N CYS A 329 15.85 4.38 -9.70
CA CYS A 329 16.54 4.44 -8.42
C CYS A 329 16.78 3.06 -7.86
N LEU A 330 15.79 2.18 -7.99
CA LEU A 330 15.99 0.78 -7.55
C LEU A 330 17.20 0.14 -8.24
N GLY A 331 17.39 0.43 -9.52
CA GLY A 331 18.54 -0.07 -10.26
C GLY A 331 19.86 0.27 -9.63
N ARG A 332 19.91 1.41 -8.93
CA ARG A 332 21.13 1.77 -8.19
C ARG A 332 21.36 0.94 -6.96
N VAL A 333 20.28 0.62 -6.25
CA VAL A 333 20.38 -0.21 -5.09
C VAL A 333 20.76 -1.62 -5.53
N PHE A 334 20.11 -2.07 -6.61
CA PHE A 334 20.35 -3.42 -7.09
C PHE A 334 21.82 -3.55 -7.62
N SER A 335 22.29 -2.51 -8.25
CA SER A 335 23.67 -2.49 -8.71
C SER A 335 24.66 -2.66 -7.57
N TYR A 336 24.42 -2.03 -6.43
CA TYR A 336 25.27 -2.18 -5.27
C TYR A 336 25.24 -3.60 -4.73
N LEU A 337 24.04 -4.20 -4.67
CA LEU A 337 23.93 -5.58 -4.23
C LEU A 337 24.69 -6.53 -5.16
N ASP A 338 24.62 -6.22 -6.44
CA ASP A 338 25.31 -7.06 -7.45
C ASP A 338 26.84 -6.90 -7.28
N GLU A 339 27.30 -5.67 -7.17
CA GLU A 339 28.76 -5.43 -7.14
C GLU A 339 29.39 -6.03 -5.90
N THR A 340 28.61 -6.16 -4.82
CA THR A 340 29.15 -6.69 -3.58
C THR A 340 28.84 -8.17 -3.39
N GLY A 341 28.20 -8.77 -4.39
CA GLY A 341 27.94 -10.19 -4.36
C GLY A 341 26.87 -10.61 -3.36
N GLN A 342 25.94 -9.70 -3.11
CA GLN A 342 24.86 -9.99 -2.10
C GLN A 342 23.51 -10.27 -2.70
N TRP A 343 23.35 -10.13 -3.99
CA TRP A 343 22.05 -10.35 -4.63
C TRP A 343 21.46 -11.72 -4.36
N ASP A 344 22.30 -12.73 -4.49
CA ASP A 344 21.87 -14.13 -4.33
C ASP A 344 21.71 -14.55 -2.89
N ASP A 345 22.10 -13.68 -1.97
CA ASP A 345 21.85 -13.89 -0.54
C ASP A 345 20.66 -13.10 0.04
N THR A 346 19.99 -12.36 -0.81
CA THR A 346 18.96 -11.45 -0.39
C THR A 346 17.58 -11.92 -0.83
N LEU A 347 16.67 -12.05 0.13
CA LEU A 347 15.24 -12.10 -0.15
C LEU A 347 14.73 -10.66 -0.45
N ILE A 348 14.25 -10.43 -1.67
CA ILE A 348 13.75 -9.12 -2.06
C ILE A 348 12.26 -9.27 -2.25
N ILE A 349 11.52 -8.45 -1.51
CA ILE A 349 10.06 -8.30 -1.60
C ILE A 349 9.74 -6.90 -2.04
N PHE A 350 9.06 -6.76 -3.17
CA PHE A 350 8.57 -5.48 -3.68
C PHE A 350 7.06 -5.45 -3.53
N THR A 351 6.56 -4.39 -2.91
CA THR A 351 5.13 -4.22 -2.79
C THR A 351 4.82 -2.74 -2.59
N SER A 352 3.55 -2.45 -2.49
CA SER A 352 3.05 -1.11 -2.26
C SER A 352 2.21 -1.18 -0.97
N ASP A 353 2.01 -0.03 -0.34
CA ASP A 353 1.05 0.04 0.81
C ASP A 353 -0.43 -0.07 0.38
N HIS A 354 -0.75 0.49 -0.77
CA HIS A 354 -2.07 0.41 -1.36
C HIS A 354 -2.01 0.88 -2.81
N GLY A 355 -3.16 0.90 -3.44
CA GLY A 355 -3.29 1.35 -4.81
C GLY A 355 -3.77 2.76 -4.93
N GLU A 356 -4.48 3.02 -6.03
CA GLU A 356 -4.88 4.42 -6.38
C GLU A 356 -6.00 4.30 -7.44
N GLN A 357 -7.05 5.06 -7.25
CA GLN A 357 -8.16 5.02 -8.20
C GLN A 357 -7.73 5.63 -9.54
N LEU A 358 -6.97 6.72 -9.53
CA LEU A 358 -6.40 7.21 -10.81
C LEU A 358 -7.49 7.59 -11.80
N GLY A 359 -8.58 8.14 -11.28
CA GLY A 359 -9.73 8.47 -12.10
C GLY A 359 -10.83 7.46 -12.25
N ASP A 360 -10.53 6.21 -11.92
CA ASP A 360 -11.53 5.16 -11.97
C ASP A 360 -12.70 5.52 -11.04
N HIS A 361 -13.86 5.31 -11.59
CA HIS A 361 -15.07 5.68 -10.87
C HIS A 361 -15.20 7.12 -10.40
N HIS A 362 -14.63 8.01 -11.19
CA HIS A 362 -14.59 9.41 -10.87
C HIS A 362 -13.79 9.75 -9.62
N LEU A 363 -13.04 8.82 -9.12
CA LEU A 363 -12.28 9.01 -7.88
C LEU A 363 -10.78 9.21 -8.16
N LEU A 364 -10.15 9.91 -7.23
CA LEU A 364 -8.68 9.94 -7.07
C LEU A 364 -8.39 9.51 -5.64
N GLY A 365 -7.34 8.76 -5.48
CA GLY A 365 -6.92 8.38 -4.13
C GLY A 365 -7.12 6.93 -3.80
N LYS A 366 -7.14 6.64 -2.49
CA LYS A 366 -7.28 5.28 -2.01
C LYS A 366 -8.34 5.24 -0.90
N ILE A 367 -9.56 4.98 -1.35
CA ILE A 367 -10.72 5.17 -0.53
C ILE A 367 -11.72 4.10 -0.98
N GLY A 368 -12.69 3.85 -0.11
CA GLY A 368 -13.90 3.11 -0.56
C GLY A 368 -13.70 1.63 -0.62
N TYR A 369 -14.21 1.06 -1.71
CA TYR A 369 -14.29 -0.38 -1.86
C TYR A 369 -13.85 -0.93 -3.24
N ASN A 370 -13.48 -0.08 -4.17
CA ASN A 370 -13.12 -0.57 -5.51
C ASN A 370 -11.75 -1.24 -5.57
N ASP A 371 -11.66 -2.30 -6.38
CA ASP A 371 -10.41 -3.05 -6.59
C ASP A 371 -9.14 -2.15 -6.75
N PRO A 372 -9.22 -1.06 -7.54
CA PRO A 372 -7.93 -0.33 -7.82
C PRO A 372 -7.35 0.35 -6.62
N SER A 373 -8.14 0.57 -5.58
CA SER A 373 -7.58 1.16 -4.35
C SER A 373 -6.80 0.10 -3.53
N PHE A 374 -7.18 -1.18 -3.64
CA PHE A 374 -6.65 -2.30 -2.81
C PHE A 374 -5.69 -3.22 -3.46
N ARG A 375 -5.82 -3.44 -4.78
CA ARG A 375 -4.93 -4.38 -5.45
C ARG A 375 -3.56 -3.70 -5.57
N ILE A 376 -2.53 -4.46 -5.23
CA ILE A 376 -1.15 -3.93 -5.20
C ILE A 376 -0.17 -4.98 -5.73
N PRO A 377 1.00 -4.53 -6.27
CA PRO A 377 2.04 -5.46 -6.66
C PRO A 377 2.51 -6.19 -5.46
N LEU A 378 3.03 -7.37 -5.77
CA LEU A 378 3.89 -8.18 -4.90
C LEU A 378 4.76 -9.08 -5.74
N VAL A 379 6.05 -8.88 -5.57
CA VAL A 379 7.04 -9.74 -6.28
C VAL A 379 8.00 -10.14 -5.23
N ILE A 380 8.38 -11.42 -5.26
CA ILE A 380 9.31 -11.95 -4.28
C ILE A 380 10.38 -12.78 -4.94
N LYS A 381 11.62 -12.33 -4.75
CA LYS A 381 12.80 -13.09 -5.20
C LYS A 381 13.51 -13.64 -4.00
N ASP A 382 13.52 -14.95 -3.94
CA ASP A 382 14.26 -15.70 -2.93
C ASP A 382 15.80 -15.59 -3.16
N ALA A 383 16.53 -15.99 -2.14
CA ALA A 383 18.00 -16.18 -2.31
C ALA A 383 18.28 -17.36 -3.29
N GLY A 384 19.28 -17.16 -4.12
CA GLY A 384 19.77 -18.24 -4.98
C GLY A 384 18.86 -18.40 -6.17
N GLU A 385 19.00 -19.46 -6.95
CA GLU A 385 18.22 -19.58 -8.19
C GLU A 385 16.81 -20.05 -7.80
N ASN A 386 15.79 -19.24 -8.09
CA ASN A 386 14.46 -19.48 -7.55
C ASN A 386 13.71 -20.64 -8.29
N ALA A 387 13.07 -21.55 -7.56
CA ALA A 387 12.43 -22.70 -8.19
C ALA A 387 11.36 -22.31 -9.16
N ARG A 388 10.70 -21.18 -8.90
CA ARG A 388 9.61 -20.75 -9.70
C ARG A 388 9.90 -19.42 -10.38
N ALA A 389 11.16 -19.17 -10.70
CA ALA A 389 11.55 -17.93 -11.39
C ALA A 389 10.64 -17.64 -12.57
N GLY A 390 10.07 -16.44 -12.63
CA GLY A 390 9.25 -15.99 -13.73
C GLY A 390 7.78 -16.32 -13.62
N ALA A 391 7.43 -17.12 -12.62
CA ALA A 391 6.05 -17.56 -12.42
C ALA A 391 5.12 -16.43 -11.98
N ILE A 392 3.87 -16.51 -12.41
CA ILE A 392 2.89 -15.58 -11.98
C ILE A 392 1.80 -16.37 -11.25
N GLU A 393 1.63 -16.02 -10.00
CA GLU A 393 0.78 -16.70 -9.03
C GLU A 393 -0.60 -16.08 -8.92
N SER A 394 -1.66 -16.87 -9.11
CA SER A 394 -3.02 -16.37 -8.96
C SER A 394 -3.68 -16.61 -7.58
N GLY A 395 -3.02 -17.37 -6.76
CA GLY A 395 -3.46 -17.56 -5.37
C GLY A 395 -3.69 -16.21 -4.72
N PHE A 396 -4.66 -16.17 -3.84
CA PHE A 396 -5.10 -14.93 -3.27
C PHE A 396 -4.25 -14.53 -2.05
N THR A 397 -3.52 -13.40 -2.15
CA THR A 397 -2.58 -13.05 -1.09
C THR A 397 -2.87 -11.68 -0.58
N GLU A 398 -2.55 -11.47 0.73
CA GLU A 398 -2.97 -10.29 1.41
C GLU A 398 -1.71 -9.71 2.12
N SER A 399 -1.71 -8.44 2.32
CA SER A 399 -0.51 -7.74 2.85
C SER A 399 -0.12 -8.23 4.26
N ILE A 400 -1.10 -8.78 4.98
CA ILE A 400 -0.84 -9.43 6.25
C ILE A 400 0.07 -10.62 6.20
N ASP A 401 0.29 -11.14 5.00
CA ASP A 401 1.11 -12.35 4.82
C ASP A 401 2.60 -11.99 4.81
N VAL A 402 2.94 -10.75 4.56
CA VAL A 402 4.36 -10.38 4.31
C VAL A 402 5.21 -10.48 5.54
N MET A 403 4.72 -10.04 6.69
CA MET A 403 5.47 -10.17 7.95
C MET A 403 5.73 -11.62 8.29
N PRO A 404 4.69 -12.47 8.31
CA PRO A 404 4.96 -13.89 8.52
C PRO A 404 5.95 -14.46 7.54
N THR A 405 5.94 -14.04 6.28
CA THR A 405 6.89 -14.57 5.30
C THR A 405 8.31 -14.22 5.68
N ILE A 406 8.51 -12.96 6.05
CA ILE A 406 9.84 -12.49 6.39
C ILE A 406 10.35 -13.25 7.59
N LEU A 407 9.52 -13.32 8.62
CA LEU A 407 9.97 -14.02 9.85
C LEU A 407 10.22 -15.50 9.64
N ASP A 408 9.36 -16.14 8.86
CA ASP A 408 9.55 -17.56 8.52
C ASP A 408 10.89 -17.73 7.80
N TRP A 409 11.18 -16.83 6.88
CA TRP A 409 12.38 -16.93 6.10
C TRP A 409 13.65 -16.80 6.95
N LEU A 410 13.57 -16.03 7.99
CA LEU A 410 14.72 -15.74 8.85
C LEU A 410 14.75 -16.74 9.99
N GLY A 411 13.88 -17.76 9.95
CA GLY A 411 13.91 -18.81 10.95
C GLY A 411 13.23 -18.45 12.25
N GLY A 412 12.40 -17.40 12.25
CA GLY A 412 11.65 -17.12 13.46
C GLY A 412 10.33 -17.85 13.50
N LYS A 413 9.73 -17.83 14.68
CA LYS A 413 8.38 -18.30 14.86
C LYS A 413 7.43 -17.19 14.33
N ILE A 414 6.39 -17.58 13.63
CA ILE A 414 5.38 -16.57 13.28
C ILE A 414 4.57 -16.31 14.55
N PRO A 415 4.46 -15.04 14.98
CA PRO A 415 3.70 -14.79 16.20
C PRO A 415 2.28 -15.40 16.11
N HIS A 416 1.77 -15.75 17.30
CA HIS A 416 0.46 -16.43 17.40
C HIS A 416 -0.59 -15.48 16.85
N ALA A 417 -0.42 -14.18 17.14
CA ALA A 417 -1.48 -13.22 16.97
C ALA A 417 -1.64 -12.86 15.46
N CYS A 418 -0.68 -13.19 14.61
CA CYS A 418 -0.80 -12.75 13.19
C CYS A 418 -2.01 -13.40 12.54
N ASP A 419 -2.68 -12.60 11.72
CA ASP A 419 -3.74 -13.06 10.85
C ASP A 419 -3.25 -13.63 9.53
N GLY A 420 -2.10 -13.18 9.07
CA GLY A 420 -1.48 -13.63 7.83
C GLY A 420 -0.73 -14.95 7.93
N LEU A 421 -0.34 -15.55 6.79
CA LEU A 421 0.42 -16.76 6.75
CA LEU A 421 0.41 -16.73 6.79
C LEU A 421 1.65 -16.52 5.88
N SER A 422 2.67 -17.33 6.12
CA SER A 422 3.86 -17.27 5.30
C SER A 422 3.58 -17.68 3.84
N LEU A 423 4.21 -16.94 2.95
CA LEU A 423 4.15 -17.17 1.51
C LEU A 423 5.21 -18.08 0.99
N LEU A 424 6.12 -18.47 1.87
CA LEU A 424 7.27 -19.28 1.41
C LEU A 424 6.84 -20.55 0.57
N PRO A 425 5.76 -21.24 0.96
CA PRO A 425 5.38 -22.41 0.14
C PRO A 425 5.17 -22.07 -1.35
N PHE A 426 4.68 -20.88 -1.61
CA PHE A 426 4.52 -20.40 -3.00
C PHE A 426 5.84 -20.30 -3.77
N LEU A 427 6.93 -20.10 -3.07
CA LEU A 427 8.22 -19.98 -3.77
C LEU A 427 8.78 -21.32 -4.16
N SER A 428 8.27 -22.37 -3.57
CA SER A 428 8.80 -23.68 -3.86
C SER A 428 7.74 -24.55 -4.54
N GLU A 429 6.78 -25.07 -3.84
CA GLU A 429 5.86 -26.03 -4.47
C GLU A 429 4.58 -25.40 -5.01
N GLY A 430 4.25 -24.24 -4.50
CA GLY A 430 3.09 -23.55 -4.95
C GLY A 430 2.07 -23.31 -3.87
N ARG A 431 0.89 -22.95 -4.33
CA ARG A 431 -0.25 -22.67 -3.45
C ARG A 431 -0.60 -23.87 -2.54
N PRO A 432 -0.57 -23.71 -1.22
CA PRO A 432 -0.98 -24.79 -0.33
C PRO A 432 -2.42 -25.20 -0.58
N GLN A 433 -2.70 -26.48 -0.42
CA GLN A 433 -4.04 -27.00 -0.67
C GLN A 433 -5.10 -26.29 0.12
N ASP A 434 -4.76 -25.96 1.36
CA ASP A 434 -5.65 -25.32 2.27
C ASP A 434 -5.56 -23.78 2.34
N TRP A 435 -4.95 -23.17 1.33
CA TRP A 435 -4.85 -21.71 1.28
C TRP A 435 -6.23 -21.05 1.18
N ARG A 436 -6.29 -19.79 1.55
CA ARG A 436 -7.53 -19.03 1.42
C ARG A 436 -8.11 -19.07 -0.02
N THR A 437 -9.42 -19.01 -0.10
CA THR A 437 -10.12 -19.09 -1.39
C THR A 437 -10.87 -17.81 -1.69
N GLU A 438 -10.71 -16.79 -0.82
CA GLU A 438 -11.22 -15.46 -1.04
C GLU A 438 -10.19 -14.44 -0.58
N LEU A 439 -10.22 -13.28 -1.22
CA LEU A 439 -9.51 -12.11 -0.78
C LEU A 439 -10.39 -11.31 0.16
N HIS A 440 -9.76 -10.65 1.15
CA HIS A 440 -10.43 -9.82 2.12
C HIS A 440 -9.78 -8.47 2.34
N TYR A 441 -10.60 -7.46 2.49
CA TYR A 441 -10.13 -6.19 2.93
C TYR A 441 -11.23 -5.38 3.67
N GLU A 442 -10.84 -4.25 4.24
CA GLU A 442 -11.64 -3.49 5.12
C GLU A 442 -11.33 -2.01 4.86
N TYR A 443 -12.33 -1.18 5.07
CA TYR A 443 -12.22 0.28 5.09
C TYR A 443 -13.10 0.91 6.17
N ASP A 444 -12.48 1.77 6.93
CA ASP A 444 -13.16 2.58 7.92
C ASP A 444 -13.06 4.04 7.52
N PHE A 445 -14.22 4.72 7.52
CA PHE A 445 -14.36 6.06 7.03
C PHE A 445 -14.90 6.97 8.09
N ARG A 446 -14.62 6.68 9.34
CA ARG A 446 -14.99 7.64 10.38
C ARG A 446 -14.24 8.97 10.22
N ASP A 447 -14.83 10.03 10.79
CA ASP A 447 -14.32 11.40 10.65
C ASP A 447 -12.87 11.58 11.10
N VAL A 448 -12.08 12.19 10.22
CA VAL A 448 -10.74 12.66 10.57
C VAL A 448 -10.59 14.10 10.14
N TYR A 449 -9.53 14.80 10.49
CA TYR A 449 -9.63 16.26 10.47
C TYR A 449 -9.85 16.79 9.08
N TYR A 450 -9.41 16.07 8.09
CA TYR A 450 -9.51 16.51 6.73
C TYR A 450 -10.57 15.86 5.89
N SER A 451 -11.30 14.91 6.45
CA SER A 451 -12.37 14.24 5.69
C SER A 451 -13.41 13.65 6.61
N GLU A 452 -14.61 14.26 6.58
CA GLU A 452 -15.59 13.99 7.62
C GLU A 452 -16.94 13.59 7.06
N PRO A 453 -17.08 12.36 6.65
CA PRO A 453 -18.32 11.96 6.01
C PRO A 453 -19.50 11.68 6.94
N GLN A 454 -19.25 11.57 8.25
CA GLN A 454 -20.30 11.16 9.16
C GLN A 454 -21.60 11.93 9.01
N SER A 455 -21.55 13.25 9.01
CA SER A 455 -22.81 13.99 9.00
C SER A 455 -23.59 13.73 7.70
N PHE A 456 -22.86 13.67 6.60
CA PHE A 456 -23.47 13.36 5.33
C PHE A 456 -24.15 12.04 5.31
N LEU A 457 -23.45 11.05 5.87
CA LEU A 457 -23.95 9.70 5.92
C LEU A 457 -24.97 9.39 7.00
N GLY A 458 -24.99 10.24 7.99
CA GLY A 458 -25.90 10.04 9.08
C GLY A 458 -25.43 9.03 10.11
N LEU A 459 -24.11 8.83 10.25
CA LEU A 459 -23.62 7.73 11.03
C LEU A 459 -22.78 8.20 12.24
N GLY A 460 -22.82 7.35 13.26
CA GLY A 460 -21.87 7.45 14.36
C GLY A 460 -20.50 6.88 13.98
N MET A 461 -19.52 7.28 14.79
CA MET A 461 -18.12 6.88 14.52
C MET A 461 -17.83 5.37 14.48
N ASN A 462 -18.55 4.57 15.25
CA ASN A 462 -18.25 3.14 15.29
C ASN A 462 -19.09 2.35 14.28
N ASP A 463 -19.83 3.05 13.43
CA ASP A 463 -20.69 2.47 12.44
C ASP A 463 -20.23 2.82 11.00
N CYS A 464 -19.03 3.38 10.89
CA CYS A 464 -18.47 3.81 9.60
C CYS A 464 -17.43 2.89 9.03
N SER A 465 -17.78 1.64 8.84
CA SER A 465 -16.88 0.68 8.21
C SER A 465 -17.53 -0.26 7.26
N LEU A 466 -16.70 -0.92 6.48
CA LEU A 466 -17.08 -1.96 5.50
C LEU A 466 -16.01 -3.04 5.48
N CYS A 467 -16.40 -4.21 5.02
CA CYS A 467 -15.49 -5.25 4.69
C CYS A 467 -15.87 -5.81 3.32
N VAL A 468 -14.91 -6.38 2.64
CA VAL A 468 -15.05 -6.93 1.28
C VAL A 468 -14.49 -8.30 1.28
N ILE A 469 -15.25 -9.16 0.57
CA ILE A 469 -14.77 -10.48 0.26
C ILE A 469 -15.01 -10.73 -1.22
N GLN A 470 -14.00 -11.31 -1.85
CA GLN A 470 -14.07 -11.60 -3.28
C GLN A 470 -13.30 -12.79 -3.74
N ASP A 471 -13.72 -13.29 -4.89
CA ASP A 471 -12.98 -14.32 -5.53
C ASP A 471 -12.96 -14.04 -7.06
N GLU A 472 -12.62 -15.05 -7.84
CA GLU A 472 -12.53 -14.82 -9.30
C GLU A 472 -13.92 -14.42 -9.88
N ARG A 473 -15.03 -14.83 -9.22
CA ARG A 473 -16.35 -14.67 -9.81
C ARG A 473 -17.17 -13.53 -9.23
N TYR A 474 -17.14 -13.37 -7.89
CA TYR A 474 -18.02 -12.43 -7.21
C TYR A 474 -17.28 -11.66 -6.15
N LYS A 475 -17.80 -10.48 -5.98
CA LYS A 475 -17.34 -9.52 -4.99
C LYS A 475 -18.49 -9.05 -4.12
N TYR A 476 -18.33 -9.18 -2.82
CA TYR A 476 -19.33 -8.67 -1.87
C TYR A 476 -18.72 -7.61 -0.97
N VAL A 477 -19.36 -6.46 -0.90
CA VAL A 477 -19.06 -5.34 -0.04
C VAL A 477 -20.09 -5.19 1.06
N HIS A 478 -19.70 -5.44 2.30
CA HIS A 478 -20.65 -5.34 3.39
C HIS A 478 -20.37 -4.14 4.23
N PHE A 479 -21.33 -3.27 4.29
CA PHE A 479 -21.28 -2.09 5.15
C PHE A 479 -21.91 -2.32 6.53
N ALA A 480 -21.28 -1.79 7.55
CA ALA A 480 -21.82 -1.89 8.88
C ALA A 480 -23.20 -1.30 9.02
N ALA A 481 -23.48 -0.15 8.38
CA ALA A 481 -24.71 0.57 8.60
C ALA A 481 -25.22 1.30 7.37
N LEU A 482 -24.80 0.82 6.21
CA LEU A 482 -25.30 1.30 4.90
C LEU A 482 -25.61 0.13 4.04
N PRO A 483 -26.14 0.36 2.84
CA PRO A 483 -26.46 -0.83 2.06
C PRO A 483 -25.27 -1.63 1.57
N PRO A 484 -25.40 -2.96 1.40
CA PRO A 484 -24.33 -3.79 0.87
C PRO A 484 -24.32 -3.70 -0.68
N LEU A 485 -23.22 -4.11 -1.25
CA LEU A 485 -23.01 -4.22 -2.71
C LEU A 485 -22.56 -5.60 -3.09
N PHE A 486 -22.95 -6.04 -4.30
CA PHE A 486 -22.55 -7.35 -4.80
C PHE A 486 -22.39 -7.25 -6.31
N PHE A 487 -21.21 -7.65 -6.76
CA PHE A 487 -20.86 -7.59 -8.17
C PHE A 487 -20.56 -8.96 -8.70
N ASP A 488 -21.05 -9.16 -9.92
CA ASP A 488 -20.63 -10.30 -10.75
C ASP A 488 -19.40 -9.96 -11.61
N LEU A 489 -18.22 -10.37 -11.20
CA LEU A 489 -17.00 -9.86 -11.79
C LEU A 489 -16.75 -10.41 -13.22
N ARG A 490 -17.44 -11.45 -13.60
CA ARG A 490 -17.18 -11.91 -14.99
C ARG A 490 -17.91 -11.01 -15.97
N HIS A 491 -19.16 -10.72 -15.65
CA HIS A 491 -19.98 -9.75 -16.41
C HIS A 491 -19.78 -8.30 -16.15
N ASP A 492 -19.30 -7.97 -14.97
CA ASP A 492 -19.16 -6.61 -14.54
C ASP A 492 -17.82 -6.44 -13.80
N PRO A 493 -16.74 -6.60 -14.51
CA PRO A 493 -15.44 -6.56 -13.86
C PRO A 493 -15.10 -5.24 -13.20
N ASN A 494 -15.74 -4.15 -13.63
CA ASN A 494 -15.43 -2.84 -13.13
C ASN A 494 -16.44 -2.30 -12.14
N GLU A 495 -17.26 -3.20 -11.63
CA GLU A 495 -18.06 -2.94 -10.46
C GLU A 495 -19.08 -1.81 -10.67
N PHE A 496 -19.75 -1.82 -11.81
CA PHE A 496 -20.76 -0.80 -12.08
C PHE A 496 -22.21 -1.19 -11.72
N THR A 497 -22.49 -2.45 -11.53
CA THR A 497 -23.89 -2.94 -11.39
C THR A 497 -24.10 -3.70 -10.08
N ASN A 498 -24.55 -3.00 -9.09
CA ASN A 498 -24.83 -3.64 -7.78
C ASN A 498 -25.99 -4.60 -7.97
N LEU A 499 -25.80 -5.79 -7.53
CA LEU A 499 -26.83 -6.87 -7.56
C LEU A 499 -27.36 -7.26 -6.17
N ALA A 500 -26.86 -6.60 -5.12
CA ALA A 500 -27.13 -7.15 -3.79
C ALA A 500 -28.63 -7.15 -3.49
N ASP A 501 -29.36 -6.19 -4.01
CA ASP A 501 -30.76 -6.07 -3.74
C ASP A 501 -31.65 -6.73 -4.77
N ASP A 502 -31.01 -7.52 -5.62
CA ASP A 502 -31.77 -8.28 -6.63
C ASP A 502 -32.16 -9.60 -5.98
N PRO A 503 -33.48 -9.87 -5.86
CA PRO A 503 -33.91 -11.16 -5.28
C PRO A 503 -33.36 -12.40 -5.90
N ALA A 504 -33.02 -12.37 -7.20
CA ALA A 504 -32.53 -13.55 -7.86
C ALA A 504 -31.15 -13.87 -7.39
N TYR A 505 -30.52 -12.94 -6.69
CA TYR A 505 -29.15 -13.19 -6.21
C TYR A 505 -29.12 -13.50 -4.71
N ALA A 506 -30.28 -13.65 -4.11
CA ALA A 506 -30.34 -13.84 -2.65
C ALA A 506 -29.43 -14.94 -2.17
N ALA A 507 -29.41 -16.14 -2.77
CA ALA A 507 -28.60 -17.28 -2.33
C ALA A 507 -27.11 -16.99 -2.44
N LEU A 508 -26.70 -16.36 -3.54
CA LEU A 508 -25.32 -15.93 -3.67
C LEU A 508 -24.90 -14.88 -2.61
N VAL A 509 -25.70 -13.83 -2.43
CA VAL A 509 -25.33 -12.85 -1.48
C VAL A 509 -25.28 -13.50 -0.09
N ARG A 510 -26.29 -14.34 0.20
CA ARG A 510 -26.26 -15.13 1.43
C ARG A 510 -24.92 -15.83 1.60
N ASP A 511 -24.48 -16.53 0.56
CA ASP A 511 -23.28 -17.35 0.63
C ASP A 511 -22.03 -16.45 0.91
N TYR A 512 -21.99 -15.26 0.34
CA TYR A 512 -20.84 -14.41 0.52
C TYR A 512 -20.86 -13.69 1.89
N ALA A 513 -22.04 -13.31 2.31
CA ALA A 513 -22.21 -12.74 3.66
C ALA A 513 -21.74 -13.80 4.67
N GLN A 514 -22.14 -15.04 4.42
CA GLN A 514 -21.75 -16.13 5.27
C GLN A 514 -20.24 -16.48 5.31
N LYS A 515 -19.60 -16.37 4.16
CA LYS A 515 -18.14 -16.54 4.13
C LYS A 515 -17.50 -15.40 4.91
N ALA A 516 -17.99 -14.20 4.74
CA ALA A 516 -17.32 -13.08 5.42
C ALA A 516 -17.56 -13.22 6.94
N LEU A 517 -18.78 -13.62 7.33
CA LEU A 517 -19.06 -13.82 8.75
C LEU A 517 -18.16 -14.88 9.36
N SER A 518 -17.92 -16.02 8.69
CA SER A 518 -16.99 -17.06 9.12
C SER A 518 -15.58 -16.49 9.26
N TRP A 519 -15.18 -15.66 8.31
CA TRP A 519 -13.91 -14.94 8.33
C TRP A 519 -13.75 -14.12 9.61
N ARG A 520 -14.78 -13.40 9.93
CA ARG A 520 -14.78 -12.58 11.19
C ARG A 520 -14.50 -13.52 12.37
N LEU A 521 -15.27 -14.60 12.47
CA LEU A 521 -15.15 -15.42 13.65
C LEU A 521 -13.79 -16.10 13.72
N LYS A 522 -13.22 -16.46 12.57
CA LYS A 522 -11.93 -17.18 12.51
C LYS A 522 -10.74 -16.27 12.84
N HIS A 523 -10.97 -14.99 12.81
CA HIS A 523 -9.94 -14.00 13.02
C HIS A 523 -10.08 -13.16 14.28
N ALA A 524 -10.88 -13.59 15.19
CA ALA A 524 -10.91 -12.92 16.49
C ALA A 524 -9.53 -13.02 17.13
N ASP A 525 -9.22 -12.03 17.97
CA ASP A 525 -7.90 -11.91 18.56
CA ASP A 525 -7.91 -11.88 18.59
C ASP A 525 -7.37 -13.19 19.18
N ARG A 526 -6.11 -13.49 18.87
CA ARG A 526 -5.48 -14.67 19.30
C ARG A 526 -4.34 -14.51 20.32
N THR A 527 -4.31 -13.38 21.01
CA THR A 527 -3.20 -13.07 21.91
C THR A 527 -2.91 -14.21 22.88
N LEU A 528 -3.95 -14.64 23.60
CA LEU A 528 -3.76 -15.58 24.69
C LEU A 528 -4.57 -16.88 24.53
N THR A 529 -5.26 -17.01 23.39
CA THR A 529 -6.27 -18.03 23.28
C THR A 529 -5.74 -19.45 23.13
N HIS A 530 -4.43 -19.60 23.02
CA HIS A 530 -3.78 -20.90 23.02
C HIS A 530 -3.37 -21.43 24.40
N TYR A 531 -3.44 -20.58 25.38
CA TYR A 531 -3.11 -20.97 26.74
C TYR A 531 -4.27 -21.68 27.44
N ARG A 532 -3.91 -22.53 28.41
CA ARG A 532 -4.88 -23.34 29.15
C ARG A 532 -4.35 -23.46 30.57
N SER A 533 -5.26 -23.32 31.53
CA SER A 533 -5.03 -23.83 32.87
C SER A 533 -5.48 -25.31 32.89
N GLY A 534 -5.08 -26.01 33.93
CA GLY A 534 -5.58 -27.37 34.09
C GLY A 534 -4.78 -28.03 35.18
N PRO A 535 -5.00 -29.34 35.35
CA PRO A 535 -4.41 -30.01 36.50
C PRO A 535 -2.90 -30.00 36.48
N GLU A 536 -2.28 -30.00 35.30
CA GLU A 536 -0.84 -30.04 35.22
C GLU A 536 -0.23 -28.64 35.17
N GLY A 537 -1.05 -27.62 35.41
CA GLY A 537 -0.60 -26.24 35.33
C GLY A 537 -0.80 -25.65 33.96
N LEU A 538 -0.05 -24.59 33.70
CA LEU A 538 -0.26 -23.77 32.51
C LEU A 538 0.32 -24.54 31.36
N SER A 539 -0.44 -24.61 30.28
CA SER A 539 0.01 -25.20 29.04
C SER A 539 -0.43 -24.42 27.87
N GLU A 540 0.01 -24.88 26.71
CA GLU A 540 -0.38 -24.27 25.45
C GLU A 540 -0.85 -25.36 24.49
N ARG A 541 -1.85 -25.00 23.70
CA ARG A 541 -2.39 -25.85 22.65
C ARG A 541 -1.78 -25.38 21.36
N SER A 542 -1.36 -26.34 20.54
CA SER A 542 -0.70 -26.02 19.29
C SER A 542 -1.61 -26.19 18.07
N HIS A 543 -2.74 -26.89 18.21
CA HIS A 543 -3.59 -27.20 17.07
C HIS A 543 -5.10 -27.00 17.35
MN MN B . 0.29 5.43 1.15
CA CA C . 0.30 5.44 1.14
C ACT D . -19.75 -15.36 -12.94
O ACT D . -19.16 -14.31 -12.50
OXT ACT D . -20.99 -15.54 -13.17
CH3 ACT D . -18.88 -16.57 -13.17
NA NA E . -28.98 -0.57 -9.11
C ACT F . 6.35 8.71 9.43
O ACT F . 7.07 7.69 9.79
OXT ACT F . 5.17 8.68 9.03
CH3 ACT F . 6.94 10.16 9.31
#